data_9KQS
#
_entry.id   9KQS
#
_cell.length_a   41.560
_cell.length_b   81.470
_cell.length_c   86.210
_cell.angle_alpha   90.00
_cell.angle_beta   90.00
_cell.angle_gamma   90.00
#
_symmetry.space_group_name_H-M   'P 2 21 21'
#
loop_
_entity.id
_entity.type
_entity.pdbx_description
1 polymer 'SCRIB overlapping open reading frame protein'
2 polymer 'WD repeat-containing protein 5'
3 water water
#
loop_
_entity_poly.entity_id
_entity_poly.type
_entity_poly.pdbx_seq_one_letter_code
_entity_poly.pdbx_strand_id
1 'polypeptide(L)' MRTEPRPPAP B
2 'polypeptide(L)'
;SATQSKPTPVKPNYALKFTLAGHTKAVSSVKFSPNGEWLASSSADKLIKIWGAYDGKFEKTISGHKLGISDVAWSSDSNL
LVSASDDKTLKIWDVSSGKCLKTLKGHSNYVFCCNFNPQSNLIVSGSFDESVRIWDVKTGKCLKTLPAHSDPVSAVHFNR
DGSLIVSSSYDGLCRIWDTASGQCLKTLIDDDNPPVSFVKFSPNGKYILAATLDNTLKLWDYSKGKCLKTYTGHKNEKYC
IFANFSVTGGKWIVSGSEDNLVYIWNLQTKEIVQKLQGHTDVVISTACHPTENIIASAALENDKTIKLWKSDC
;
A
#
# COMPACT_ATOMS: atom_id res chain seq x y z
N MET A 1 14.26 1.32 2.46
CA MET A 1 13.37 1.53 1.35
C MET A 1 12.60 0.27 0.90
N ARG A 2 11.33 0.45 0.58
CA ARG A 2 10.53 -0.65 0.09
C ARG A 2 11.10 -1.16 -1.21
N THR A 3 11.83 -0.30 -1.92
CA THR A 3 12.38 -0.63 -3.21
C THR A 3 13.62 -1.53 -3.15
N GLU A 4 14.09 -1.80 -1.94
CA GLU A 4 15.26 -2.67 -1.76
C GLU A 4 14.83 -4.00 -1.18
N PRO A 5 15.44 -5.07 -1.64
CA PRO A 5 14.95 -6.39 -1.25
C PRO A 5 15.28 -6.89 0.14
N ARG A 6 14.42 -7.75 0.67
CA ARG A 6 14.70 -8.41 1.93
C ARG A 6 15.33 -9.73 1.55
N PRO A 7 16.59 -9.93 1.94
CA PRO A 7 17.19 -11.21 1.65
C PRO A 7 16.36 -12.37 2.21
N PRO A 8 15.92 -13.29 1.35
CA PRO A 8 15.11 -14.36 1.91
C PRO A 8 15.86 -15.22 2.94
N ALA A 9 15.11 -15.74 3.89
CA ALA A 9 15.72 -16.55 4.92
C ALA A 9 16.38 -17.76 4.31
N PRO A 10 17.53 -18.14 4.86
CA PRO A 10 18.26 -19.24 4.26
C PRO A 10 17.74 -20.59 4.73
N LYS B 11 -13.93 -12.63 -17.16
CA LYS B 11 -12.54 -12.25 -17.17
C LYS B 11 -12.38 -10.84 -17.67
N PRO B 12 -11.52 -10.08 -17.00
CA PRO B 12 -11.26 -8.72 -17.46
C PRO B 12 -10.41 -8.68 -18.71
N ASN B 13 -10.32 -7.53 -19.36
CA ASN B 13 -9.47 -7.38 -20.51
C ASN B 13 -8.69 -6.09 -20.37
N TYR B 14 -7.91 -6.00 -19.30
CA TYR B 14 -7.08 -4.85 -19.09
C TYR B 14 -6.06 -4.71 -20.20
N ALA B 15 -5.94 -3.53 -20.76
CA ALA B 15 -4.99 -3.25 -21.80
C ALA B 15 -4.25 -1.97 -21.47
N LEU B 16 -2.98 -1.90 -21.82
CA LEU B 16 -2.20 -0.73 -21.52
C LEU B 16 -2.64 0.50 -22.28
N LYS B 17 -2.79 1.58 -21.55
CA LYS B 17 -3.18 2.84 -22.14
C LYS B 17 -2.09 3.89 -22.08
N PHE B 18 -1.45 4.02 -20.91
CA PHE B 18 -0.37 5.00 -20.77
C PHE B 18 0.77 4.44 -19.94
N THR B 19 1.98 4.85 -20.30
CA THR B 19 3.20 4.67 -19.50
C THR B 19 3.71 6.03 -19.05
N LEU B 20 3.88 6.15 -17.75
CA LEU B 20 4.21 7.40 -17.14
C LEU B 20 5.63 7.40 -16.64
N ALA B 21 6.44 8.22 -17.25
CA ALA B 21 7.84 8.22 -16.90
C ALA B 21 8.44 9.50 -16.36
N GLY B 22 9.47 9.39 -15.52
CA GLY B 22 10.30 10.53 -15.10
C GLY B 22 10.74 10.46 -13.63
N HIS B 23 10.29 9.48 -12.85
CA HIS B 23 10.90 9.29 -11.54
C HIS B 23 12.31 8.79 -11.94
N THR B 24 13.34 9.18 -11.23
CA THR B 24 14.72 8.82 -11.58
C THR B 24 15.22 7.60 -10.84
N LYS B 25 14.44 7.12 -9.89
CA LYS B 25 14.75 5.89 -9.20
C LYS B 25 13.49 5.07 -9.04
N ALA B 26 13.67 3.86 -8.54
CA ALA B 26 12.55 2.98 -8.31
C ALA B 26 11.34 3.65 -7.74
N VAL B 27 10.20 3.29 -8.31
CA VAL B 27 8.94 3.76 -7.74
C VAL B 27 8.56 2.82 -6.61
N SER B 28 8.01 3.36 -5.52
CA SER B 28 7.64 2.56 -4.35
C SER B 28 6.14 2.33 -4.20
N SER B 29 5.31 3.29 -4.56
CA SER B 29 3.88 3.17 -4.26
C SER B 29 3.10 4.09 -5.19
N VAL B 30 1.95 3.58 -5.66
CA VAL B 30 1.04 4.38 -6.47
C VAL B 30 -0.34 4.29 -5.82
N LYS B 31 -1.08 5.38 -5.81
CA LYS B 31 -2.41 5.42 -5.22
C LYS B 31 -3.33 6.40 -5.97
N PHE B 32 -4.56 6.01 -6.24
CA PHE B 32 -5.52 6.92 -6.83
C PHE B 32 -6.23 7.80 -5.78
N SER B 33 -6.47 9.05 -6.15
CA SER B 33 -7.18 9.94 -5.25
C SER B 33 -8.61 9.44 -5.09
N PRO B 34 -9.20 9.65 -3.92
CA PRO B 34 -10.55 9.14 -3.78
C PRO B 34 -11.57 9.73 -4.77
N ASN B 35 -11.33 10.94 -5.23
CA ASN B 35 -12.23 11.59 -6.20
C ASN B 35 -11.97 11.10 -7.63
N GLY B 36 -11.05 10.17 -7.77
CA GLY B 36 -10.79 9.55 -9.05
C GLY B 36 -10.02 10.40 -10.03
N GLU B 37 -9.68 11.64 -9.69
CA GLU B 37 -9.05 12.54 -10.66
C GLU B 37 -7.55 12.31 -10.83
N TRP B 38 -6.86 11.78 -9.82
CA TRP B 38 -5.40 11.86 -9.82
C TRP B 38 -4.80 10.54 -9.37
N LEU B 39 -3.56 10.32 -9.81
CA LEU B 39 -2.69 9.28 -9.27
C LEU B 39 -1.49 9.93 -8.61
N ALA B 40 -1.16 9.49 -7.39
CA ALA B 40 0.04 9.94 -6.73
C ALA B 40 1.04 8.79 -6.70
N SER B 41 2.32 9.13 -6.86
CA SER B 41 3.38 8.14 -6.83
C SER B 41 4.50 8.61 -5.93
N SER B 42 5.10 7.66 -5.20
CA SER B 42 6.25 7.94 -4.36
C SER B 42 7.43 7.13 -4.87
N SER B 43 8.66 7.56 -4.54
CA SER B 43 9.81 6.91 -5.16
C SER B 43 11.03 6.96 -4.24
N ALA B 44 11.97 6.05 -4.50
CA ALA B 44 13.29 6.12 -3.89
C ALA B 44 14.04 7.39 -4.25
N ASP B 45 13.58 8.13 -5.26
CA ASP B 45 14.20 9.40 -5.63
C ASP B 45 13.79 10.55 -4.68
N LYS B 46 13.11 10.25 -3.58
CA LYS B 46 12.74 11.24 -2.58
C LYS B 46 11.59 12.13 -2.98
N LEU B 47 10.99 11.79 -4.09
CA LEU B 47 9.91 12.57 -4.61
C LEU B 47 8.52 11.98 -4.70
N ILE B 48 7.53 12.85 -4.63
CA ILE B 48 6.14 12.48 -4.92
C ILE B 48 5.78 13.11 -6.26
N LYS B 49 5.12 12.37 -7.12
CA LYS B 49 4.62 12.93 -8.37
C LYS B 49 3.13 12.72 -8.51
N ILE B 50 2.49 13.69 -9.11
CA ILE B 50 1.06 13.62 -9.35
C ILE B 50 0.79 13.51 -10.84
N TRP B 51 -0.16 12.66 -11.20
CA TRP B 51 -0.48 12.37 -12.61
C TRP B 51 -1.99 12.34 -12.80
N GLY B 52 -2.44 12.70 -14.00
CA GLY B 52 -3.86 12.56 -14.33
C GLY B 52 -4.27 11.10 -14.39
N ALA B 53 -5.35 10.75 -13.66
CA ALA B 53 -5.75 9.35 -13.55
C ALA B 53 -6.28 8.79 -14.86
N TYR B 54 -6.86 9.65 -15.71
CA TYR B 54 -7.49 9.17 -16.94
C TYR B 54 -6.64 9.37 -18.18
N ASP B 55 -5.70 10.32 -18.18
CA ASP B 55 -4.86 10.57 -19.35
C ASP B 55 -3.38 10.35 -19.08
N GLY B 56 -3.01 10.01 -17.86
CA GLY B 56 -1.62 9.80 -17.52
C GLY B 56 -0.74 11.03 -17.58
N LYS B 57 -1.34 12.18 -17.74
CA LYS B 57 -0.55 13.39 -17.88
C LYS B 57 0.12 13.82 -16.60
N PHE B 58 1.42 13.99 -16.67
CA PHE B 58 2.15 14.50 -15.52
C PHE B 58 1.59 15.83 -15.05
N GLU B 59 1.39 15.96 -13.75
CA GLU B 59 0.80 17.18 -13.18
C GLU B 59 1.82 18.00 -12.41
N LYS B 60 2.43 17.39 -11.39
CA LYS B 60 3.41 18.09 -10.61
C LYS B 60 4.32 17.22 -9.75
N THR B 61 5.43 17.80 -9.29
CA THR B 61 6.32 17.12 -8.35
C THR B 61 6.22 17.79 -6.99
N ILE B 62 6.23 16.98 -5.94
CA ILE B 62 6.21 17.46 -4.56
C ILE B 62 7.46 16.93 -3.87
N SER B 63 8.25 17.83 -3.29
CA SER B 63 9.56 17.49 -2.77
C SER B 63 9.73 18.02 -1.34
N GLY B 64 10.68 17.43 -0.61
CA GLY B 64 10.98 17.86 0.75
C GLY B 64 11.58 16.79 1.65
N HIS B 65 11.19 15.54 1.44
CA HIS B 65 11.81 14.45 2.20
C HIS B 65 13.31 14.39 1.91
N LYS B 66 14.08 13.97 2.91
CA LYS B 66 15.54 13.93 2.79
C LYS B 66 16.07 12.59 2.37
N LEU B 67 15.22 11.58 2.40
CA LEU B 67 15.59 10.27 1.90
C LEU B 67 14.40 9.70 1.11
N GLY B 68 14.57 8.49 0.58
CA GLY B 68 13.52 7.92 -0.25
C GLY B 68 12.22 7.74 0.51
N ILE B 69 11.14 7.60 -0.25
CA ILE B 69 9.77 7.49 0.26
C ILE B 69 9.23 6.11 -0.10
N SER B 70 8.74 5.37 0.90
CA SER B 70 8.23 4.02 0.66
C SER B 70 6.73 3.96 0.46
N ASP B 71 5.99 5.01 0.77
CA ASP B 71 4.54 4.92 0.71
C ASP B 71 3.96 6.32 0.70
N VAL B 72 2.73 6.42 0.18
CA VAL B 72 1.99 7.67 0.12
C VAL B 72 0.51 7.31 0.22
N ALA B 73 -0.29 8.22 0.77
CA ALA B 73 -1.73 7.95 0.88
C ALA B 73 -2.50 9.26 0.84
N TRP B 74 -3.74 9.20 0.36
CA TRP B 74 -4.60 10.37 0.19
C TRP B 74 -5.57 10.53 1.36
N SER B 75 -5.88 11.78 1.69
CA SER B 75 -7.03 12.03 2.56
C SER B 75 -8.32 11.75 1.79
N SER B 76 -9.40 11.57 2.56
CA SER B 76 -10.68 11.20 1.97
C SER B 76 -11.22 12.28 1.03
N ASP B 77 -10.86 13.54 1.24
CA ASP B 77 -11.36 14.61 0.38
C ASP B 77 -10.42 14.90 -0.78
N SER B 78 -9.38 14.08 -0.94
CA SER B 78 -8.45 14.19 -2.07
C SER B 78 -7.57 15.46 -2.05
N ASN B 79 -7.58 16.19 -0.96
CA ASN B 79 -6.80 17.42 -0.86
C ASN B 79 -5.42 17.26 -0.23
N LEU B 80 -5.25 16.25 0.61
CA LEU B 80 -3.98 16.07 1.30
C LEU B 80 -3.35 14.75 0.91
N LEU B 81 -2.03 14.69 1.05
CA LEU B 81 -1.29 13.44 1.00
C LEU B 81 -0.48 13.30 2.28
N VAL B 82 -0.22 12.05 2.67
CA VAL B 82 0.82 11.78 3.66
C VAL B 82 1.81 10.82 3.02
N SER B 83 3.10 10.99 3.34
CA SER B 83 4.18 10.20 2.78
C SER B 83 5.02 9.60 3.91
N ALA B 84 5.57 8.41 3.68
CA ALA B 84 6.39 7.72 4.67
C ALA B 84 7.80 7.52 4.13
N SER B 85 8.80 8.01 4.87
CA SER B 85 10.16 8.12 4.33
C SER B 85 11.19 7.42 5.21
N ASP B 86 12.28 7.00 4.57
CA ASP B 86 13.48 6.54 5.26
C ASP B 86 14.15 7.64 6.08
N ASP B 87 13.76 8.90 5.91
CA ASP B 87 14.28 9.95 6.78
C ASP B 87 13.64 9.93 8.17
N LYS B 88 12.87 8.88 8.46
CA LYS B 88 12.24 8.65 9.78
C LYS B 88 11.02 9.52 10.08
N THR B 89 10.55 10.23 9.08
CA THR B 89 9.37 11.00 9.23
C THR B 89 8.28 10.76 8.25
N LEU B 90 7.09 11.25 8.57
CA LEU B 90 6.03 11.29 7.63
C LEU B 90 5.77 12.78 7.37
N LYS B 91 5.33 13.12 6.19
CA LYS B 91 4.96 14.50 5.90
C LYS B 91 3.55 14.59 5.38
N ILE B 92 2.83 15.62 5.81
CA ILE B 92 1.48 15.87 5.33
C ILE B 92 1.57 17.00 4.32
N TRP B 93 0.95 16.84 3.19
CA TRP B 93 1.09 17.77 2.07
C TRP B 93 -0.27 18.30 1.64
N ASP B 94 -0.33 19.59 1.36
CA ASP B 94 -1.46 20.17 0.65
C ASP B 94 -1.18 20.02 -0.84
N VAL B 95 -1.97 19.19 -1.52
CA VAL B 95 -1.60 18.78 -2.88
C VAL B 95 -1.61 19.99 -3.83
N SER B 96 -2.64 20.83 -3.76
CA SER B 96 -2.77 21.88 -4.77
C SER B 96 -1.70 22.97 -4.61
N SER B 97 -1.30 23.31 -3.38
CA SER B 97 -0.23 24.27 -3.19
C SER B 97 1.16 23.63 -3.19
N GLY B 98 1.25 22.33 -2.94
CA GLY B 98 2.52 21.67 -2.72
C GLY B 98 3.15 21.90 -1.36
N LYS B 99 2.47 22.56 -0.46
CA LYS B 99 3.07 22.84 0.81
C LYS B 99 3.15 21.67 1.75
N CYS B 100 4.23 21.60 2.52
CA CYS B 100 4.33 20.60 3.56
C CYS B 100 3.69 21.21 4.77
N LEU B 101 2.54 20.69 5.18
CA LEU B 101 1.82 21.24 6.28
C LEU B 101 2.37 20.83 7.63
N LYS B 102 2.76 19.57 7.73
CA LYS B 102 3.30 19.04 8.94
C LYS B 102 4.35 17.98 8.71
N THR B 103 5.33 17.90 9.59
CA THR B 103 6.30 16.83 9.52
C THR B 103 6.09 16.01 10.81
N LEU B 104 5.75 14.74 10.66
CA LEU B 104 5.45 13.86 11.77
C LEU B 104 6.68 13.14 12.26
N LYS B 105 7.12 13.52 13.45
CA LYS B 105 8.34 12.98 14.00
C LYS B 105 8.15 12.15 15.25
N GLY B 106 8.93 11.08 15.36
CA GLY B 106 8.81 10.18 16.49
C GLY B 106 9.36 8.78 16.23
N HIS B 107 9.16 8.25 15.02
CA HIS B 107 9.74 6.95 14.71
C HIS B 107 11.25 7.02 14.77
N SER B 108 11.87 5.89 15.13
CA SER B 108 13.31 5.83 15.31
C SER B 108 14.00 5.10 14.18
N ASN B 109 13.27 4.81 13.13
CA ASN B 109 13.82 4.14 11.99
C ASN B 109 12.92 4.44 10.79
N TYR B 110 13.21 3.84 9.66
CA TYR B 110 12.42 4.08 8.47
C TYR B 110 10.93 3.98 8.66
N VAL B 111 10.21 4.93 8.07
CA VAL B 111 8.75 4.86 8.08
C VAL B 111 8.43 4.16 6.77
N PHE B 112 7.61 3.12 6.82
CA PHE B 112 7.46 2.22 5.68
C PHE B 112 6.08 2.28 5.03
N CYS B 113 5.08 2.52 5.83
CA CYS B 113 3.73 2.50 5.36
C CYS B 113 2.85 3.49 6.09
N CYS B 114 1.80 3.94 5.42
CA CYS B 114 0.91 4.93 6.00
C CYS B 114 -0.51 4.92 5.40
N ASN B 115 -1.43 5.53 6.14
CA ASN B 115 -2.79 5.63 5.68
C ASN B 115 -3.59 6.59 6.56
N PHE B 116 -4.53 7.30 5.96
CA PHE B 116 -5.44 8.13 6.70
C PHE B 116 -6.61 7.26 7.11
N ASN B 117 -7.35 7.70 8.11
CA ASN B 117 -8.56 7.02 8.46
C ASN B 117 -9.64 7.66 7.55
N PRO B 118 -10.81 7.03 7.47
CA PRO B 118 -11.83 7.60 6.61
C PRO B 118 -12.25 9.06 6.96
N GLN B 119 -12.33 9.40 8.22
CA GLN B 119 -12.65 10.78 8.59
C GLN B 119 -11.47 11.67 8.21
N SER B 120 -10.29 11.07 8.09
CA SER B 120 -9.07 11.81 7.72
C SER B 120 -8.55 12.75 8.81
N ASN B 121 -8.94 12.52 10.06
CA ASN B 121 -8.43 13.32 11.16
C ASN B 121 -7.23 12.59 11.77
N LEU B 122 -7.06 11.32 11.40
CA LEU B 122 -5.94 10.52 11.89
C LEU B 122 -5.09 9.98 10.74
N ILE B 123 -3.81 9.78 11.03
CA ILE B 123 -2.92 9.01 10.16
C ILE B 123 -2.36 7.85 10.99
N VAL B 124 -2.22 6.68 10.37
CA VAL B 124 -1.52 5.55 10.98
C VAL B 124 -0.24 5.31 10.18
N SER B 125 0.82 4.92 10.87
CA SER B 125 2.10 4.64 10.22
C SER B 125 2.68 3.38 10.82
N GLY B 126 3.47 2.69 10.00
CA GLY B 126 4.27 1.57 10.47
C GLY B 126 5.71 1.75 10.04
N SER B 127 6.63 1.21 10.84
CA SER B 127 8.02 1.58 10.75
C SER B 127 8.92 0.37 10.94
N PHE B 128 10.15 0.49 10.45
CA PHE B 128 11.15 -0.51 10.77
C PHE B 128 11.52 -0.51 12.25
N ASP B 129 11.08 0.49 13.00
CA ASP B 129 11.29 0.48 14.46
C ASP B 129 10.34 -0.50 15.16
N GLU B 130 9.48 -1.18 14.41
CA GLU B 130 8.59 -2.24 14.95
C GLU B 130 7.33 -1.70 15.61
N SER B 131 7.15 -0.38 15.55
CA SER B 131 5.98 0.21 16.15
C SER B 131 4.98 0.63 15.08
N VAL B 132 3.74 0.82 15.53
CA VAL B 132 2.69 1.49 14.80
C VAL B 132 2.37 2.77 15.56
N ARG B 133 2.23 3.88 14.84
N ARG B 133 2.20 3.87 14.84
CA ARG B 133 1.91 5.15 15.49
CA ARG B 133 1.92 5.15 15.48
C ARG B 133 0.65 5.74 14.89
C ARG B 133 0.65 5.74 14.89
N ILE B 134 -0.15 6.37 15.75
CA ILE B 134 -1.39 7.04 15.36
C ILE B 134 -1.19 8.53 15.58
N TRP B 135 -1.43 9.33 14.54
CA TRP B 135 -1.11 10.75 14.55
C TRP B 135 -2.37 11.59 14.35
N ASP B 136 -2.39 12.74 15.01
CA ASP B 136 -3.42 13.74 14.77
C ASP B 136 -3.05 14.57 13.55
N VAL B 137 -3.87 14.57 12.54
CA VAL B 137 -3.56 15.30 11.32
C VAL B 137 -3.43 16.80 11.55
N LYS B 138 -4.40 17.35 12.25
CA LYS B 138 -4.41 18.79 12.46
C LYS B 138 -3.21 19.34 13.20
N THR B 139 -2.81 18.68 14.26
CA THR B 139 -1.69 19.13 15.05
C THR B 139 -0.37 18.53 14.68
N GLY B 140 -0.38 17.38 14.02
CA GLY B 140 0.87 16.69 13.79
C GLY B 140 1.38 15.89 14.97
N LYS B 141 0.64 15.84 16.04
CA LYS B 141 1.11 15.15 17.19
C LYS B 141 0.86 13.67 17.17
N CYS B 142 1.81 12.92 17.70
CA CYS B 142 1.62 11.50 17.84
C CYS B 142 0.71 11.28 19.03
N LEU B 143 -0.39 10.60 18.81
CA LEU B 143 -1.33 10.33 19.86
C LEU B 143 -1.08 9.01 20.57
N LYS B 144 -0.62 8.01 19.84
CA LYS B 144 -0.30 6.74 20.42
C LYS B 144 0.82 6.03 19.74
N THR B 145 1.59 5.30 20.52
CA THR B 145 2.63 4.46 19.96
C THR B 145 2.26 3.04 20.43
N LEU B 146 2.00 2.17 19.47
CA LEU B 146 1.62 0.80 19.77
C LEU B 146 2.85 -0.08 19.66
N PRO B 147 3.12 -0.92 20.68
CA PRO B 147 4.23 -1.89 20.65
C PRO B 147 3.87 -3.08 19.78
N ALA B 148 3.74 -2.83 18.47
CA ALA B 148 2.89 -3.66 17.64
C ALA B 148 3.52 -5.01 17.30
N HIS B 149 4.84 -5.06 17.10
CA HIS B 149 5.46 -6.19 16.43
C HIS B 149 6.89 -6.34 16.94
N SER B 150 7.51 -7.47 16.60
CA SER B 150 8.89 -7.71 17.02
C SER B 150 9.82 -7.71 15.81
N ASP B 151 9.37 -7.10 14.72
CA ASP B 151 10.14 -6.96 13.49
C ASP B 151 9.52 -5.82 12.70
N PRO B 152 10.14 -5.41 11.59
CA PRO B 152 9.59 -4.27 10.84
C PRO B 152 8.11 -4.42 10.50
N VAL B 153 7.40 -3.30 10.55
CA VAL B 153 5.99 -3.26 10.20
C VAL B 153 5.85 -3.00 8.70
N SER B 154 5.22 -3.93 7.99
CA SER B 154 5.17 -3.84 6.53
C SER B 154 3.95 -3.11 6.00
N ALA B 155 2.86 -3.06 6.76
CA ALA B 155 1.63 -2.41 6.29
C ALA B 155 0.75 -2.04 7.47
N VAL B 156 -0.05 -0.98 7.29
CA VAL B 156 -1.05 -0.51 8.25
C VAL B 156 -2.25 0.01 7.45
N HIS B 157 -3.46 -0.25 7.96
CA HIS B 157 -4.67 0.12 7.22
C HIS B 157 -5.85 0.26 8.19
N PHE B 158 -6.70 1.27 8.00
CA PHE B 158 -7.89 1.42 8.81
C PHE B 158 -9.07 0.74 8.15
N ASN B 159 -10.02 0.27 8.94
CA ASN B 159 -11.22 -0.31 8.39
C ASN B 159 -12.16 0.77 7.89
N ARG B 160 -13.31 0.36 7.38
CA ARG B 160 -14.22 1.29 6.74
C ARG B 160 -14.77 2.38 7.59
N ASP B 161 -14.91 2.14 8.88
CA ASP B 161 -15.37 3.19 9.76
C ASP B 161 -14.26 3.72 10.69
N GLY B 162 -13.02 3.33 10.46
CA GLY B 162 -11.90 3.86 11.22
C GLY B 162 -11.77 3.33 12.64
N SER B 163 -12.60 2.37 13.06
CA SER B 163 -12.57 1.91 14.44
C SER B 163 -11.48 0.89 14.70
N LEU B 164 -10.92 0.31 13.63
CA LEU B 164 -9.89 -0.71 13.72
C LEU B 164 -8.72 -0.34 12.82
N ILE B 165 -7.54 -0.81 13.21
CA ILE B 165 -6.34 -0.77 12.38
C ILE B 165 -5.85 -2.20 12.26
N VAL B 166 -5.40 -2.60 11.06
CA VAL B 166 -4.70 -3.86 10.87
C VAL B 166 -3.23 -3.56 10.55
N SER B 167 -2.32 -4.31 11.14
CA SER B 167 -0.90 -4.17 10.87
C SER B 167 -0.30 -5.53 10.52
N SER B 168 0.78 -5.51 9.74
CA SER B 168 1.47 -6.74 9.35
C SER B 168 2.95 -6.57 9.59
N SER B 169 3.66 -7.69 9.72
CA SER B 169 5.08 -7.58 10.05
C SER B 169 5.85 -8.80 9.54
N TYR B 170 7.16 -8.60 9.37
CA TYR B 170 8.10 -9.70 9.14
C TYR B 170 8.11 -10.69 10.29
N ASP B 171 7.54 -10.34 11.44
CA ASP B 171 7.45 -11.26 12.56
C ASP B 171 6.42 -12.36 12.31
N GLY B 172 5.76 -12.31 11.17
CA GLY B 172 4.84 -13.36 10.80
C GLY B 172 3.41 -13.16 11.25
N LEU B 173 3.16 -12.04 11.87
CA LEU B 173 1.86 -11.76 12.38
C LEU B 173 1.05 -10.64 11.75
N CYS B 174 -0.26 -10.77 11.82
CA CYS B 174 -1.14 -9.68 11.46
C CYS B 174 -1.86 -9.38 12.76
N ARG B 175 -2.00 -8.10 13.08
CA ARG B 175 -2.70 -7.72 14.29
C ARG B 175 -3.80 -6.68 14.06
N ILE B 176 -4.86 -6.82 14.80
CA ILE B 176 -6.00 -5.92 14.72
C ILE B 176 -6.00 -5.06 15.98
N TRP B 177 -6.11 -3.75 15.81
CA TRP B 177 -6.00 -2.79 16.91
C TRP B 177 -7.26 -1.94 17.01
N ASP B 178 -7.69 -1.66 18.23
CA ASP B 178 -8.79 -0.72 18.48
C ASP B 178 -8.24 0.70 18.35
N THR B 179 -8.74 1.47 17.39
CA THR B 179 -8.21 2.81 17.17
C THR B 179 -8.31 3.66 18.43
N ALA B 180 -9.45 3.58 19.14
CA ALA B 180 -9.69 4.48 20.26
C ALA B 180 -8.79 4.18 21.44
N SER B 181 -8.65 2.90 21.79
CA SER B 181 -7.89 2.48 22.98
C SER B 181 -6.44 2.11 22.78
N GLY B 182 -6.10 1.71 21.57
CA GLY B 182 -4.76 1.23 21.29
C GLY B 182 -4.59 -0.25 21.60
N GLN B 183 -5.66 -0.88 22.06
CA GLN B 183 -5.57 -2.28 22.42
C GLN B 183 -5.53 -3.25 21.26
N CYS B 184 -4.71 -4.25 21.40
CA CYS B 184 -4.63 -5.30 20.42
C CYS B 184 -5.79 -6.23 20.63
N LEU B 185 -6.65 -6.35 19.63
CA LEU B 185 -7.84 -7.16 19.73
C LEU B 185 -7.70 -8.52 19.07
N LYS B 186 -6.69 -8.68 18.25
CA LYS B 186 -6.49 -9.92 17.57
C LYS B 186 -5.10 -10.12 17.06
N THR B 187 -4.63 -11.35 17.16
CA THR B 187 -3.35 -11.69 16.56
C THR B 187 -3.65 -12.90 15.64
N LEU B 188 -3.36 -12.77 14.36
CA LEU B 188 -3.63 -13.84 13.41
C LEU B 188 -2.40 -14.65 13.18
N ILE B 189 -2.56 -15.95 13.31
CA ILE B 189 -1.46 -16.85 13.18
C ILE B 189 -1.67 -17.84 12.05
N ASP B 190 -0.64 -18.01 11.23
CA ASP B 190 -0.70 -19.00 10.17
C ASP B 190 0.51 -19.90 10.22
N ASP B 191 0.30 -21.18 9.94
CA ASP B 191 1.36 -22.17 10.01
C ASP B 191 2.69 -21.64 9.51
N ASP B 192 3.76 -21.86 10.28
CA ASP B 192 5.12 -21.47 9.91
C ASP B 192 5.45 -19.97 9.98
N ASN B 193 4.48 -19.14 10.28
CA ASN B 193 4.75 -17.72 10.49
C ASN B 193 5.63 -17.06 9.44
N PRO B 194 5.33 -17.33 8.17
CA PRO B 194 6.11 -16.62 7.15
C PRO B 194 6.00 -15.07 7.27
N PRO B 195 7.06 -14.35 6.96
CA PRO B 195 6.98 -12.88 7.06
C PRO B 195 5.77 -12.36 6.29
N VAL B 196 5.03 -11.46 6.91
CA VAL B 196 3.88 -10.85 6.27
C VAL B 196 4.34 -9.53 5.68
N SER B 197 4.14 -9.40 4.37
CA SER B 197 4.63 -8.29 3.61
C SER B 197 3.60 -7.21 3.26
N PHE B 198 2.34 -7.53 3.44
CA PHE B 198 1.29 -6.57 3.15
C PHE B 198 0.00 -7.05 3.79
N VAL B 199 -0.84 -6.11 4.18
CA VAL B 199 -2.16 -6.45 4.67
C VAL B 199 -3.10 -5.29 4.46
N LYS B 200 -4.38 -5.58 4.27
CA LYS B 200 -5.40 -4.54 4.20
C LYS B 200 -6.81 -5.12 4.41
N PHE B 201 -7.71 -4.35 5.01
CA PHE B 201 -9.10 -4.76 5.15
C PHE B 201 -9.77 -4.86 3.78
N SER B 202 -10.72 -5.77 3.68
CA SER B 202 -11.62 -5.76 2.55
C SER B 202 -12.52 -4.53 2.64
N PRO B 203 -13.17 -4.19 1.52
CA PRO B 203 -14.02 -3.02 1.54
C PRO B 203 -15.12 -3.05 2.61
N ASN B 204 -15.67 -4.22 2.92
CA ASN B 204 -16.69 -4.33 3.96
C ASN B 204 -16.12 -4.46 5.36
N GLY B 205 -14.80 -4.56 5.47
CA GLY B 205 -14.18 -4.61 6.76
C GLY B 205 -14.29 -5.92 7.49
N LYS B 206 -14.80 -6.92 6.82
CA LYS B 206 -14.99 -8.22 7.43
C LYS B 206 -13.79 -9.12 7.25
N TYR B 207 -13.00 -8.86 6.23
CA TYR B 207 -11.87 -9.67 5.95
C TYR B 207 -10.62 -8.87 5.84
N ILE B 208 -9.50 -9.56 5.84
CA ILE B 208 -8.23 -8.93 5.62
C ILE B 208 -7.52 -9.75 4.54
N LEU B 209 -6.86 -9.11 3.60
CA LEU B 209 -6.06 -9.73 2.57
C LEU B 209 -4.60 -9.62 2.99
N ALA B 210 -3.89 -10.74 3.08
CA ALA B 210 -2.52 -10.71 3.58
C ALA B 210 -1.55 -11.37 2.60
N ALA B 211 -0.45 -10.69 2.31
CA ALA B 211 0.62 -11.25 1.51
C ALA B 211 1.73 -11.74 2.43
N THR B 212 2.26 -12.91 2.14
CA THR B 212 3.38 -13.47 2.86
C THR B 212 4.51 -13.78 1.88
N LEU B 213 5.75 -13.73 2.36
CA LEU B 213 6.90 -13.86 1.48
C LEU B 213 7.21 -15.31 1.14
N ASP B 214 6.15 -16.05 0.81
CA ASP B 214 6.24 -17.43 0.40
C ASP B 214 5.38 -17.54 -0.87
N ASN B 215 5.31 -16.47 -1.65
CA ASN B 215 4.55 -16.46 -2.90
C ASN B 215 3.06 -16.71 -2.70
N THR B 216 2.53 -16.17 -1.62
CA THR B 216 1.14 -16.38 -1.32
C THR B 216 0.34 -15.20 -0.80
N LEU B 217 -0.88 -15.08 -1.30
CA LEU B 217 -1.83 -14.10 -0.80
C LEU B 217 -2.99 -14.87 -0.17
N LYS B 218 -3.52 -14.39 0.93
CA LYS B 218 -4.64 -15.04 1.57
C LYS B 218 -5.72 -14.11 2.05
N LEU B 219 -6.96 -14.56 2.00
CA LEU B 219 -8.07 -13.77 2.50
C LEU B 219 -8.55 -14.40 3.76
N TRP B 220 -8.60 -13.62 4.81
CA TRP B 220 -8.94 -14.14 6.08
C TRP B 220 -10.13 -13.53 6.75
N ASP B 221 -10.88 -14.36 7.46
CA ASP B 221 -11.93 -13.86 8.31
C ASP B 221 -11.13 -13.73 9.59
N TYR B 222 -10.62 -12.55 9.85
CA TYR B 222 -9.74 -12.37 11.01
C TYR B 222 -10.37 -12.64 12.37
N SER B 223 -11.63 -12.30 12.52
CA SER B 223 -12.31 -12.52 13.77
C SER B 223 -12.33 -13.98 14.14
N LYS B 224 -12.60 -14.83 13.18
CA LYS B 224 -12.65 -16.25 13.44
C LYS B 224 -11.32 -16.96 13.18
N GLY B 225 -10.33 -16.22 12.70
CA GLY B 225 -9.07 -16.83 12.37
C GLY B 225 -9.17 -17.90 11.32
N LYS B 226 -9.98 -17.69 10.31
CA LYS B 226 -10.16 -18.66 9.25
C LYS B 226 -9.77 -18.15 7.88
N CYS B 227 -8.85 -18.84 7.23
CA CYS B 227 -8.46 -18.48 5.87
C CYS B 227 -9.52 -18.94 4.91
N LEU B 228 -10.09 -18.01 4.18
CA LEU B 228 -11.17 -18.34 3.26
C LEU B 228 -10.68 -18.61 1.85
N LYS B 229 -9.67 -17.87 1.43
CA LYS B 229 -9.12 -18.04 0.12
C LYS B 229 -7.62 -17.92 0.09
N THR B 230 -7.02 -18.56 -0.89
CA THR B 230 -5.58 -18.50 -1.10
C THR B 230 -5.34 -18.25 -2.57
N TYR B 231 -4.45 -17.31 -2.88
CA TYR B 231 -4.16 -16.92 -4.25
C TYR B 231 -2.67 -17.13 -4.50
N THR B 232 -2.34 -17.93 -5.51
CA THR B 232 -0.95 -18.21 -5.85
C THR B 232 -0.77 -18.13 -7.36
N GLY B 233 0.46 -18.36 -7.80
CA GLY B 233 0.86 -18.23 -9.20
C GLY B 233 1.87 -17.13 -9.43
N HIS B 234 1.88 -16.11 -8.58
CA HIS B 234 2.82 -15.00 -8.69
C HIS B 234 4.11 -15.30 -7.92
N LYS B 235 5.04 -14.36 -7.99
CA LYS B 235 6.30 -14.48 -7.25
C LYS B 235 6.42 -13.36 -6.21
N ASN B 236 6.53 -13.73 -4.95
CA ASN B 236 6.71 -12.75 -3.89
C ASN B 236 7.50 -13.35 -2.72
N GLU B 237 8.80 -13.14 -2.75
CA GLU B 237 9.67 -13.63 -1.71
C GLU B 237 10.61 -12.59 -1.13
N LYS B 238 10.66 -11.39 -1.68
CA LYS B 238 11.62 -10.41 -1.23
C LYS B 238 11.14 -8.97 -1.02
N TYR B 239 9.98 -8.64 -1.55
CA TYR B 239 9.49 -7.28 -1.49
C TYR B 239 8.09 -7.13 -0.91
N CYS B 240 7.82 -5.97 -0.33
CA CYS B 240 6.51 -5.71 0.21
C CYS B 240 5.65 -5.17 -0.93
N ILE B 241 4.96 -6.06 -1.60
CA ILE B 241 4.18 -5.68 -2.76
C ILE B 241 2.72 -5.43 -2.37
N PHE B 242 2.16 -4.32 -2.84
CA PHE B 242 0.77 -4.02 -2.53
C PHE B 242 -0.18 -4.98 -3.24
N ALA B 243 -1.36 -5.15 -2.65
CA ALA B 243 -2.41 -5.97 -3.25
C ALA B 243 -3.71 -5.22 -3.10
N ASN B 244 -4.70 -5.59 -3.89
CA ASN B 244 -5.93 -4.84 -3.88
C ASN B 244 -7.19 -5.60 -4.15
N PHE B 245 -8.30 -5.06 -3.71
CA PHE B 245 -9.59 -5.59 -4.06
C PHE B 245 -10.14 -4.73 -5.22
N SER B 246 -10.31 -5.31 -6.41
CA SER B 246 -10.94 -4.60 -7.52
C SER B 246 -12.45 -4.83 -7.47
N VAL B 247 -13.23 -3.75 -7.42
CA VAL B 247 -14.66 -3.85 -7.17
C VAL B 247 -15.50 -3.05 -8.15
N THR B 248 -14.88 -2.30 -9.07
CA THR B 248 -15.68 -1.50 -9.99
C THR B 248 -16.34 -2.35 -11.07
N GLY B 249 -15.75 -3.50 -11.39
CA GLY B 249 -16.34 -4.40 -12.37
C GLY B 249 -16.57 -5.76 -11.73
N GLY B 250 -15.98 -6.79 -12.32
CA GLY B 250 -15.90 -8.06 -11.61
C GLY B 250 -15.10 -7.91 -10.33
N LYS B 251 -15.26 -8.86 -9.44
CA LYS B 251 -14.59 -8.80 -8.15
C LYS B 251 -13.28 -9.55 -8.24
N TRP B 252 -12.19 -8.81 -8.34
CA TRP B 252 -10.88 -9.41 -8.50
C TRP B 252 -10.00 -9.14 -7.30
N ILE B 253 -8.89 -9.88 -7.23
CA ILE B 253 -7.71 -9.56 -6.43
C ILE B 253 -6.61 -9.17 -7.40
N VAL B 254 -5.94 -8.05 -7.14
CA VAL B 254 -4.90 -7.54 -8.01
C VAL B 254 -3.60 -7.44 -7.21
N SER B 255 -2.50 -7.93 -7.78
CA SER B 255 -1.21 -7.79 -7.12
C SER B 255 -0.09 -7.62 -8.12
N GLY B 256 0.97 -6.93 -7.69
CA GLY B 256 2.23 -6.97 -8.38
C GLY B 256 2.94 -8.29 -8.10
N SER B 257 4.14 -8.41 -8.66
CA SER B 257 4.84 -9.69 -8.66
C SER B 257 6.31 -9.46 -9.02
N GLU B 258 7.17 -10.35 -8.54
CA GLU B 258 8.61 -10.24 -8.74
C GLU B 258 9.08 -10.84 -10.05
N ASP B 259 8.14 -11.27 -10.87
CA ASP B 259 8.45 -11.71 -12.23
C ASP B 259 7.99 -10.59 -13.21
N ASN B 260 7.83 -9.37 -12.73
CA ASN B 260 7.51 -8.21 -13.58
C ASN B 260 6.08 -8.14 -14.16
N LEU B 261 5.19 -8.95 -13.63
CA LEU B 261 3.83 -8.96 -14.12
C LEU B 261 2.82 -8.51 -13.11
N VAL B 262 1.69 -8.02 -13.61
CA VAL B 262 0.59 -7.72 -12.74
C VAL B 262 -0.34 -8.93 -12.83
N TYR B 263 -0.73 -9.45 -11.67
CA TYR B 263 -1.61 -10.61 -11.62
C TYR B 263 -3.00 -10.23 -11.16
N ILE B 264 -4.00 -10.82 -11.79
CA ILE B 264 -5.38 -10.59 -11.42
C ILE B 264 -6.09 -11.93 -11.23
N TRP B 265 -6.72 -12.13 -10.08
CA TRP B 265 -7.41 -13.36 -9.77
C TRP B 265 -8.89 -13.14 -9.53
N ASN B 266 -9.69 -14.16 -9.83
CA ASN B 266 -11.10 -14.09 -9.47
C ASN B 266 -11.08 -14.35 -7.98
N LEU B 267 -11.68 -13.45 -7.20
CA LEU B 267 -11.63 -13.57 -5.77
C LEU B 267 -12.27 -14.86 -5.25
N GLN B 268 -13.37 -15.25 -5.84
CA GLN B 268 -14.09 -16.42 -5.36
C GLN B 268 -13.52 -17.73 -5.83
N THR B 269 -13.19 -17.81 -7.10
CA THR B 269 -12.66 -19.04 -7.67
C THR B 269 -11.19 -19.20 -7.39
N LYS B 270 -10.48 -18.09 -7.20
CA LYS B 270 -9.04 -18.09 -6.94
C LYS B 270 -8.22 -18.38 -8.20
N GLU B 271 -8.88 -18.41 -9.33
CA GLU B 271 -8.19 -18.60 -10.58
C GLU B 271 -7.59 -17.31 -11.10
N ILE B 272 -6.47 -17.41 -11.79
CA ILE B 272 -5.88 -16.24 -12.40
C ILE B 272 -6.65 -15.94 -13.66
N VAL B 273 -7.13 -14.72 -13.80
CA VAL B 273 -7.94 -14.35 -14.95
C VAL B 273 -7.19 -13.42 -15.88
N GLN B 274 -6.08 -12.85 -15.44
CA GLN B 274 -5.22 -12.05 -16.32
C GLN B 274 -3.86 -11.77 -15.76
N LYS B 275 -2.87 -11.79 -16.62
CA LYS B 275 -1.54 -11.37 -16.23
C LYS B 275 -1.18 -10.23 -17.19
N LEU B 276 -0.80 -9.08 -16.66
CA LEU B 276 -0.45 -7.94 -17.47
C LEU B 276 1.05 -7.80 -17.70
N GLN B 277 1.46 -7.77 -18.95
CA GLN B 277 2.86 -7.71 -19.29
C GLN B 277 3.44 -6.46 -19.90
N GLY B 278 4.71 -6.19 -19.63
CA GLY B 278 5.48 -5.16 -20.32
C GLY B 278 6.28 -4.28 -19.33
N HIS B 279 6.15 -4.46 -18.01
CA HIS B 279 7.09 -3.82 -17.09
C HIS B 279 8.39 -4.62 -17.24
N THR B 280 9.53 -4.04 -16.90
CA THR B 280 10.82 -4.70 -17.06
C THR B 280 11.51 -4.93 -15.73
N ASP B 281 10.85 -4.65 -14.61
CA ASP B 281 11.37 -4.96 -13.28
C ASP B 281 10.21 -5.32 -12.38
N VAL B 282 10.51 -5.68 -11.14
CA VAL B 282 9.50 -6.07 -10.18
C VAL B 282 8.39 -5.05 -10.09
N VAL B 283 7.17 -5.55 -10.08
CA VAL B 283 6.01 -4.69 -9.95
C VAL B 283 5.75 -4.60 -8.47
N ILE B 284 6.10 -3.46 -7.89
CA ILE B 284 6.03 -3.29 -6.44
C ILE B 284 4.65 -2.83 -5.97
N SER B 285 3.87 -2.21 -6.83
CA SER B 285 2.67 -1.54 -6.36
C SER B 285 1.64 -1.59 -7.46
N THR B 286 0.40 -1.81 -7.04
CA THR B 286 -0.73 -1.78 -7.93
C THR B 286 -1.83 -1.03 -7.20
N ALA B 287 -2.66 -0.33 -7.95
CA ALA B 287 -3.79 0.37 -7.38
C ALA B 287 -5.00 0.28 -8.31
N CYS B 288 -6.19 0.29 -7.71
CA CYS B 288 -7.43 0.19 -8.47
C CYS B 288 -8.27 1.46 -8.35
N HIS B 289 -8.66 2.02 -9.48
CA HIS B 289 -9.42 3.25 -9.49
C HIS B 289 -10.73 3.10 -8.75
N PRO B 290 -11.16 4.19 -8.10
CA PRO B 290 -12.37 4.06 -7.24
C PRO B 290 -13.67 3.89 -8.02
N THR B 291 -13.75 4.30 -9.29
CA THR B 291 -15.02 4.21 -10.03
C THR B 291 -14.92 3.60 -11.42
N GLU B 292 -13.74 3.58 -12.01
CA GLU B 292 -13.53 2.99 -13.31
C GLU B 292 -12.63 1.76 -13.28
N ASN B 293 -12.75 0.93 -14.31
CA ASN B 293 -11.95 -0.28 -14.37
C ASN B 293 -10.58 0.10 -14.85
N ILE B 294 -9.82 0.75 -13.99
CA ILE B 294 -8.46 1.13 -14.31
C ILE B 294 -7.50 0.66 -13.24
N ILE B 295 -6.36 0.15 -13.66
CA ILE B 295 -5.33 -0.25 -12.73
C ILE B 295 -4.06 0.52 -12.98
N ALA B 296 -3.42 0.98 -11.93
CA ALA B 296 -2.09 1.58 -12.06
C ALA B 296 -1.08 0.59 -11.49
N SER B 297 0.08 0.49 -12.14
CA SER B 297 1.16 -0.37 -11.65
C SER B 297 2.48 0.39 -11.72
N ALA B 298 3.43 0.00 -10.88
CA ALA B 298 4.71 0.68 -10.80
C ALA B 298 5.82 -0.33 -10.54
N ALA B 299 7.01 -0.02 -11.04
CA ALA B 299 8.10 -1.00 -11.03
C ALA B 299 9.37 -0.41 -10.44
N LEU B 300 10.28 -1.31 -10.13
CA LEU B 300 11.49 -0.94 -9.46
C LEU B 300 12.60 -0.32 -10.33
N GLU B 301 13.81 -0.22 -9.77
CA GLU B 301 14.89 0.57 -10.39
C GLU B 301 15.21 0.42 -11.86
N ASN B 302 15.18 -0.81 -12.33
CA ASN B 302 15.56 -1.06 -13.70
C ASN B 302 14.49 -0.67 -14.69
N ASP B 303 13.33 -0.29 -14.20
CA ASP B 303 12.20 0.12 -15.04
C ASP B 303 11.83 1.56 -14.70
N LYS B 304 11.28 1.80 -13.51
CA LYS B 304 10.96 3.15 -13.00
C LYS B 304 9.73 3.80 -13.60
N THR B 305 9.00 3.03 -14.40
CA THR B 305 7.78 3.52 -14.98
C THR B 305 6.51 3.10 -14.27
N ILE B 306 5.49 3.88 -14.47
CA ILE B 306 4.16 3.60 -13.97
C ILE B 306 3.30 3.34 -15.19
N LYS B 307 2.40 2.36 -15.08
CA LYS B 307 1.51 2.04 -16.18
C LYS B 307 0.05 2.10 -15.80
N LEU B 308 -0.76 2.60 -16.72
CA LEU B 308 -2.20 2.67 -16.50
C LEU B 308 -2.85 1.75 -17.49
N TRP B 309 -3.65 0.82 -16.98
CA TRP B 309 -4.32 -0.16 -17.78
C TRP B 309 -5.82 -0.03 -17.60
N LYS B 310 -6.57 -0.30 -18.66
CA LYS B 310 -8.00 -0.12 -18.58
C LYS B 310 -8.77 -1.29 -19.18
N SER B 311 -9.82 -1.68 -18.49
CA SER B 311 -10.67 -2.84 -18.99
C SER B 311 -12.09 -2.41 -19.19
N ASP B 312 -12.82 -3.20 -19.95
CA ASP B 312 -14.21 -2.90 -20.18
C ASP B 312 -15.06 -3.50 -19.07
N CYS B 313 -14.47 -4.33 -18.24
CA CYS B 313 -15.21 -4.95 -17.18
C CYS B 313 -14.35 -5.36 -15.98
#